data_3ZQB
#
_entry.id   3ZQB
#
_cell.length_a   172.229
_cell.length_b   48.055
_cell.length_c   103.687
_cell.angle_alpha   90.00
_cell.angle_beta   121.94
_cell.angle_gamma   90.00
#
_symmetry.space_group_name_H-M   'C 1 2 1'
#
loop_
_entity.id
_entity.type
_entity.pdbx_description
1 polymer 'PROTEIN PRGI, CELL INVASION PROTEIN SIPD'
2 non-polymer GLYCEROL
3 water water
#
_entity_poly.entity_id   1
_entity_poly.type   'polypeptide(L)'
_entity_poly.pdbx_seq_one_letter_code
;GSHMATPWSGYLDDVSAKFDTGVDNLQTQVTEALDKLAAKPSDPALLAAYQSKLSEYNLYRNAQSNTVKVFKDIDAAIIQ
NFRGGSGGTTISDAEIWDMVSQNISAIGDSYLGVYENVVAVYTDFYQAFSDILSKMGGWLLPGKDGNTVKLDVTSLKNDL
NSLVNKYNQINSNTVLFPAQSGSGVKVATEAEARQWLSELNLPNSCLKSYGSGYVVTVDLTPLQKMVQDIDGLGAPGKDS
KLEMDNAKYQAWQSGFKAQEENMKTTLQTLTQKYSNANSLYDNLVKVLSSTISSSLETAKSFLQG
;
_entity_poly.pdbx_strand_id   A,B
#
loop_
_chem_comp.id
_chem_comp.type
_chem_comp.name
_chem_comp.formula
GOL non-polymer GLYCEROL 'C3 H8 O3'
#
# COMPACT_ATOMS: atom_id res chain seq x y z
N SER A 9 -20.52 -34.59 14.53
CA SER A 9 -20.13 -36.01 14.65
C SER A 9 -19.09 -36.20 15.76
N GLY A 10 -19.56 -36.40 16.98
CA GLY A 10 -18.66 -36.58 18.10
C GLY A 10 -17.93 -35.30 18.49
N TYR A 11 -16.65 -35.25 18.19
CA TYR A 11 -15.82 -34.09 18.52
C TYR A 11 -16.10 -32.90 17.61
N LEU A 12 -16.56 -33.15 16.39
CA LEU A 12 -16.85 -32.06 15.45
C LEU A 12 -17.63 -30.94 16.11
N ASP A 13 -18.61 -31.31 16.94
CA ASP A 13 -19.44 -30.34 17.63
C ASP A 13 -18.55 -29.51 18.56
N ASP A 14 -17.52 -30.15 19.09
CA ASP A 14 -16.57 -29.52 19.98
C ASP A 14 -15.71 -28.49 19.24
N VAL A 15 -15.29 -28.84 18.02
CA VAL A 15 -14.47 -27.95 17.22
C VAL A 15 -15.27 -26.73 16.78
N SER A 16 -16.50 -26.96 16.31
CA SER A 16 -17.39 -25.90 15.86
C SER A 16 -17.79 -24.92 16.94
N ALA A 17 -18.29 -25.45 18.06
CA ALA A 17 -18.73 -24.61 19.17
C ALA A 17 -17.57 -23.76 19.70
N LYS A 18 -16.38 -24.36 19.77
CA LYS A 18 -15.19 -23.64 20.25
C LYS A 18 -14.82 -22.63 19.17
N PHE A 19 -15.09 -22.99 17.93
CA PHE A 19 -14.79 -22.18 16.76
C PHE A 19 -15.66 -20.90 16.69
N ASP A 20 -16.93 -21.04 17.07
CA ASP A 20 -17.86 -19.92 17.05
C ASP A 20 -17.37 -18.82 18.00
N THR A 21 -16.78 -19.25 19.11
CA THR A 21 -16.25 -18.32 20.09
C THR A 21 -15.21 -17.46 19.40
N GLY A 22 -14.53 -18.05 18.42
CA GLY A 22 -13.50 -17.33 17.69
C GLY A 22 -14.08 -16.17 16.90
N VAL A 23 -15.20 -16.42 16.21
CA VAL A 23 -15.84 -15.37 15.42
C VAL A 23 -16.27 -14.22 16.35
N ASP A 24 -16.84 -14.56 17.50
CA ASP A 24 -17.27 -13.53 18.46
C ASP A 24 -16.10 -12.66 18.88
N ASN A 25 -14.99 -13.30 19.25
CA ASN A 25 -13.79 -12.57 19.67
C ASN A 25 -13.25 -11.64 18.59
N LEU A 26 -13.12 -12.16 17.36
CA LEU A 26 -12.62 -11.34 16.27
C LEU A 26 -13.55 -10.17 16.04
N GLN A 27 -14.86 -10.43 16.15
CA GLN A 27 -15.89 -9.42 15.97
C GLN A 27 -15.65 -8.29 16.97
N THR A 28 -15.37 -8.67 18.21
CA THR A 28 -15.11 -7.72 19.28
C THR A 28 -13.81 -6.98 18.98
N GLN A 29 -12.79 -7.72 18.52
CA GLN A 29 -11.49 -7.13 18.20
C GLN A 29 -11.57 -6.13 17.07
N VAL A 30 -12.37 -6.45 16.05
CA VAL A 30 -12.53 -5.54 14.93
C VAL A 30 -13.00 -4.18 15.45
N THR A 31 -14.06 -4.19 16.26
CA THR A 31 -14.61 -2.96 16.83
C THR A 31 -13.54 -2.24 17.67
N GLU A 32 -12.85 -3.01 18.51
CA GLU A 32 -11.81 -2.43 19.36
C GLU A 32 -10.68 -1.83 18.55
N ALA A 33 -10.35 -2.47 17.43
CA ALA A 33 -9.28 -1.97 16.57
C ALA A 33 -9.77 -0.71 15.91
N LEU A 34 -11.04 -0.72 15.52
CA LEU A 34 -11.63 0.45 14.86
C LEU A 34 -11.68 1.68 15.75
N ASP A 35 -11.97 1.50 17.04
CA ASP A 35 -12.03 2.64 17.96
C ASP A 35 -10.66 3.26 18.20
N LYS A 36 -9.62 2.41 18.29
CA LYS A 36 -8.27 2.91 18.49
C LYS A 36 -7.92 3.78 17.29
N LEU A 37 -8.30 3.33 16.11
CA LEU A 37 -8.05 4.06 14.88
C LEU A 37 -8.83 5.38 14.86
N ALA A 38 -10.04 5.36 15.41
CA ALA A 38 -10.88 6.54 15.47
C ALA A 38 -10.21 7.68 16.25
N ALA A 39 -9.36 7.33 17.21
CA ALA A 39 -8.65 8.30 18.02
C ALA A 39 -7.53 8.97 17.22
N LYS A 40 -6.96 8.24 16.26
CA LYS A 40 -5.89 8.77 15.42
C LYS A 40 -6.19 8.37 13.97
N PRO A 41 -7.21 8.99 13.37
CA PRO A 41 -7.68 8.75 12.00
C PRO A 41 -6.68 8.46 10.89
N SER A 42 -5.54 9.13 10.90
CA SER A 42 -4.56 8.90 9.84
C SER A 42 -3.38 8.04 10.25
N ASP A 43 -3.47 7.40 11.41
CA ASP A 43 -2.40 6.54 11.90
C ASP A 43 -2.37 5.28 11.00
N PRO A 44 -1.26 5.08 10.26
CA PRO A 44 -1.07 3.94 9.36
C PRO A 44 -1.08 2.59 10.07
N ALA A 45 -0.45 2.55 11.23
CA ALA A 45 -0.37 1.32 12.00
C ALA A 45 -1.75 0.83 12.42
N LEU A 46 -2.54 1.73 13.00
CA LEU A 46 -3.87 1.39 13.47
C LEU A 46 -4.81 1.02 12.33
N LEU A 47 -4.63 1.64 11.17
CA LEU A 47 -5.45 1.32 10.02
C LEU A 47 -5.13 -0.09 9.56
N ALA A 48 -3.84 -0.40 9.43
CA ALA A 48 -3.40 -1.72 9.00
C ALA A 48 -3.85 -2.79 10.00
N ALA A 49 -3.77 -2.47 11.29
CA ALA A 49 -4.19 -3.43 12.32
C ALA A 49 -5.69 -3.72 12.18
N TYR A 50 -6.49 -2.67 12.08
CA TYR A 50 -7.93 -2.82 11.91
C TYR A 50 -8.31 -3.66 10.67
N GLN A 51 -7.76 -3.35 9.51
CA GLN A 51 -8.12 -4.11 8.30
C GLN A 51 -7.63 -5.56 8.31
N SER A 52 -6.52 -5.81 8.98
CA SER A 52 -6.06 -7.17 9.07
C SER A 52 -7.11 -7.89 9.92
N LYS A 53 -7.61 -7.21 10.94
CA LYS A 53 -8.62 -7.81 11.81
C LYS A 53 -9.91 -8.00 11.05
N LEU A 54 -10.23 -7.05 10.17
CA LEU A 54 -11.46 -7.16 9.41
C LEU A 54 -11.36 -8.36 8.47
N SER A 55 -10.21 -8.47 7.81
CA SER A 55 -9.97 -9.59 6.90
C SER A 55 -10.04 -10.90 7.67
N GLU A 56 -9.39 -10.93 8.82
CA GLU A 56 -9.38 -12.13 9.65
C GLU A 56 -10.77 -12.51 10.10
N TYR A 57 -11.57 -11.50 10.49
CA TYR A 57 -12.94 -11.76 10.92
C TYR A 57 -13.69 -12.38 9.74
N ASN A 58 -13.54 -11.81 8.55
CA ASN A 58 -14.21 -12.33 7.36
C ASN A 58 -13.79 -13.76 7.05
N LEU A 59 -12.52 -14.05 7.28
CA LEU A 59 -12.01 -15.40 7.05
C LEU A 59 -12.73 -16.39 7.96
N TYR A 60 -12.83 -16.07 9.25
CA TYR A 60 -13.49 -16.98 10.18
C TYR A 60 -14.99 -17.13 9.92
N ARG A 61 -15.62 -16.07 9.42
CA ARG A 61 -17.03 -16.13 9.09
C ARG A 61 -17.17 -16.98 7.86
N ASN A 62 -16.10 -17.00 7.05
CA ASN A 62 -16.06 -17.80 5.83
C ASN A 62 -16.11 -19.26 6.29
N ALA A 63 -15.10 -19.64 7.07
CA ALA A 63 -14.99 -20.99 7.59
C ALA A 63 -16.30 -21.46 8.22
N GLN A 64 -16.85 -20.61 9.07
CA GLN A 64 -18.09 -20.88 9.80
C GLN A 64 -19.22 -21.30 8.85
N SER A 65 -19.39 -20.56 7.77
CA SER A 65 -20.44 -20.85 6.81
C SER A 65 -20.07 -22.02 5.89
N ASN A 66 -19.05 -22.78 6.23
CA ASN A 66 -18.64 -23.92 5.41
C ASN A 66 -18.33 -25.14 6.26
N THR A 67 -18.65 -25.05 7.55
CA THR A 67 -18.41 -26.15 8.49
C THR A 67 -18.94 -27.50 8.02
N VAL A 68 -20.18 -27.52 7.54
CA VAL A 68 -20.76 -28.76 7.06
C VAL A 68 -19.85 -29.42 6.02
N LYS A 69 -19.80 -28.85 4.82
CA LYS A 69 -18.95 -29.39 3.78
C LYS A 69 -17.56 -29.74 4.30
N VAL A 70 -16.94 -28.82 5.04
CA VAL A 70 -15.60 -29.05 5.58
C VAL A 70 -15.49 -30.13 6.65
N PHE A 71 -16.40 -30.14 7.63
CA PHE A 71 -16.37 -31.15 8.68
C PHE A 71 -16.63 -32.51 8.07
N LYS A 72 -17.37 -32.52 6.98
CA LYS A 72 -17.69 -33.75 6.28
C LYS A 72 -16.38 -34.39 5.83
N ASP A 73 -15.63 -33.68 4.97
CA ASP A 73 -14.37 -34.19 4.45
C ASP A 73 -13.35 -34.51 5.53
N ILE A 74 -13.11 -33.55 6.43
CA ILE A 74 -12.13 -33.76 7.49
C ILE A 74 -12.43 -35.02 8.31
N ASP A 75 -13.70 -35.20 8.65
CA ASP A 75 -14.14 -36.35 9.44
C ASP A 75 -13.97 -37.64 8.63
N ALA A 76 -14.40 -37.60 7.36
CA ALA A 76 -14.29 -38.75 6.48
C ALA A 76 -12.83 -39.19 6.39
N ALA A 77 -11.92 -38.22 6.46
CA ALA A 77 -10.49 -38.50 6.36
C ALA A 77 -9.87 -38.88 7.70
N ILE A 78 -10.50 -38.47 8.80
CA ILE A 78 -10.00 -38.80 10.12
C ILE A 78 -10.27 -40.28 10.33
N ILE A 79 -11.23 -40.78 9.55
CA ILE A 79 -11.62 -42.18 9.62
C ILE A 79 -10.80 -42.97 8.58
N GLN A 80 -9.67 -42.38 8.18
CA GLN A 80 -8.74 -42.95 7.20
C GLN A 80 -9.37 -43.16 5.82
N ASN A 81 -10.60 -43.00 5.68
N ILE A 91 -3.38 -40.70 16.09
CA ILE A 91 -3.05 -39.97 14.85
C ILE A 91 -2.19 -38.72 15.12
N SER A 92 -1.02 -38.70 14.50
CA SER A 92 -0.06 -37.61 14.62
C SER A 92 -0.67 -36.21 14.51
N ASP A 93 0.07 -35.21 14.99
CA ASP A 93 -0.41 -33.84 14.91
C ASP A 93 -0.03 -33.22 13.58
N ALA A 94 1.16 -33.55 13.09
CA ALA A 94 1.59 -33.04 11.79
C ALA A 94 0.72 -33.71 10.75
N GLU A 95 0.05 -34.78 11.16
CA GLU A 95 -0.85 -35.52 10.29
C GLU A 95 -2.26 -34.95 10.36
N ILE A 96 -2.60 -34.36 11.50
CA ILE A 96 -3.91 -33.73 11.66
C ILE A 96 -3.86 -32.51 10.74
N TRP A 97 -2.78 -31.76 10.89
CA TRP A 97 -2.55 -30.56 10.12
C TRP A 97 -2.67 -30.89 8.63
N ASP A 98 -1.92 -31.90 8.20
CA ASP A 98 -1.94 -32.33 6.82
C ASP A 98 -3.36 -32.64 6.33
N MET A 99 -4.10 -33.43 7.09
CA MET A 99 -5.47 -33.76 6.71
C MET A 99 -6.38 -32.55 6.67
N VAL A 100 -6.16 -31.59 7.56
CA VAL A 100 -6.96 -30.37 7.58
C VAL A 100 -6.60 -29.54 6.34
N SER A 101 -5.30 -29.44 6.07
CA SER A 101 -4.81 -28.67 4.93
C SER A 101 -5.46 -29.05 3.60
N GLN A 102 -5.69 -30.34 3.39
CA GLN A 102 -6.28 -30.76 2.12
C GLN A 102 -7.78 -30.99 2.14
N ASN A 103 -8.48 -30.41 3.10
CA ASN A 103 -9.94 -30.58 3.16
C ASN A 103 -10.69 -29.30 3.52
N ILE A 104 -10.18 -28.16 3.08
CA ILE A 104 -10.82 -26.88 3.35
C ILE A 104 -10.78 -25.97 2.12
N SER A 105 -10.83 -26.59 0.93
CA SER A 105 -10.77 -25.81 -0.31
C SER A 105 -11.93 -24.85 -0.43
N ALA A 106 -13.07 -25.20 0.17
CA ALA A 106 -14.25 -24.35 0.11
C ALA A 106 -13.88 -23.00 0.73
N ILE A 107 -12.92 -23.04 1.64
CA ILE A 107 -12.47 -21.84 2.31
C ILE A 107 -11.34 -21.16 1.55
N GLY A 108 -10.25 -21.90 1.34
CA GLY A 108 -9.11 -21.36 0.65
C GLY A 108 -9.46 -20.79 -0.71
N ASP A 109 -10.34 -21.47 -1.44
CA ASP A 109 -10.73 -21.01 -2.76
C ASP A 109 -11.57 -19.74 -2.73
N SER A 110 -12.34 -19.53 -1.66
CA SER A 110 -13.16 -18.32 -1.57
C SER A 110 -12.44 -17.24 -0.80
N TYR A 111 -11.22 -17.52 -0.37
CA TYR A 111 -10.43 -16.53 0.36
C TYR A 111 -9.14 -16.27 -0.39
N LEU A 112 -8.22 -17.22 -0.33
CA LEU A 112 -6.92 -17.11 -1.00
C LEU A 112 -7.03 -17.12 -2.53
N GLY A 113 -7.88 -18.01 -3.05
CA GLY A 113 -8.08 -18.08 -4.49
C GLY A 113 -8.60 -16.75 -5.00
N VAL A 114 -9.40 -16.07 -4.17
CA VAL A 114 -9.95 -14.78 -4.55
C VAL A 114 -8.82 -13.77 -4.64
N TYR A 115 -7.99 -13.73 -3.61
CA TYR A 115 -6.84 -12.81 -3.61
C TYR A 115 -5.93 -13.15 -4.77
N GLU A 116 -5.75 -14.45 -5.03
CA GLU A 116 -4.91 -14.92 -6.14
C GLU A 116 -5.41 -14.31 -7.44
N ASN A 117 -6.71 -14.36 -7.64
CA ASN A 117 -7.31 -13.81 -8.86
C ASN A 117 -7.17 -12.29 -8.88
N VAL A 118 -7.44 -11.66 -7.72
CA VAL A 118 -7.34 -10.21 -7.62
C VAL A 118 -5.98 -9.69 -8.11
N VAL A 119 -4.90 -10.32 -7.67
CA VAL A 119 -3.54 -9.90 -8.07
C VAL A 119 -3.19 -10.22 -9.52
N ALA A 120 -3.58 -11.40 -9.99
CA ALA A 120 -3.33 -11.78 -11.39
C ALA A 120 -4.06 -10.80 -12.33
N VAL A 121 -5.33 -10.57 -12.08
CA VAL A 121 -6.11 -9.65 -12.91
C VAL A 121 -5.54 -8.23 -12.89
N TYR A 122 -5.20 -7.72 -11.71
CA TYR A 122 -4.66 -6.36 -11.60
C TYR A 122 -3.27 -6.24 -12.21
N THR A 123 -2.52 -7.34 -12.16
CA THR A 123 -1.18 -7.35 -12.73
C THR A 123 -1.28 -7.29 -14.26
N ASP A 124 -2.27 -7.99 -14.83
CA ASP A 124 -2.44 -7.94 -16.27
C ASP A 124 -3.01 -6.59 -16.67
N PHE A 125 -3.89 -6.04 -15.84
CA PHE A 125 -4.44 -4.73 -16.14
C PHE A 125 -3.31 -3.72 -16.22
N TYR A 126 -2.44 -3.72 -15.21
CA TYR A 126 -1.34 -2.79 -15.18
C TYR A 126 -0.37 -3.02 -16.32
N GLN A 127 -0.09 -4.29 -16.60
CA GLN A 127 0.81 -4.65 -17.69
C GLN A 127 0.33 -4.07 -19.01
N ALA A 128 -0.99 -4.05 -19.20
CA ALA A 128 -1.57 -3.51 -20.43
C ALA A 128 -1.28 -2.01 -20.50
N PHE A 129 -1.31 -1.34 -19.34
CA PHE A 129 -1.02 0.09 -19.30
C PHE A 129 0.45 0.28 -19.66
N SER A 130 1.30 -0.54 -19.07
CA SER A 130 2.73 -0.47 -19.33
C SER A 130 2.98 -0.48 -20.82
N ASP A 131 2.24 -1.33 -21.53
CA ASP A 131 2.40 -1.43 -22.97
C ASP A 131 2.15 -0.07 -23.63
N ILE A 132 1.17 0.68 -23.14
CA ILE A 132 0.86 1.99 -23.71
C ILE A 132 1.99 2.97 -23.39
N LEU A 133 2.46 2.92 -22.15
CA LEU A 133 3.53 3.79 -21.70
C LEU A 133 4.78 3.58 -22.55
N SER A 134 4.98 2.34 -23.01
CA SER A 134 6.14 1.98 -23.81
C SER A 134 6.27 2.64 -25.17
N LYS A 135 5.25 3.34 -25.63
CA LYS A 135 5.34 4.01 -26.92
C LYS A 135 5.19 5.53 -26.80
N MET A 136 5.68 6.06 -25.69
CA MET A 136 5.61 7.49 -25.44
C MET A 136 6.63 8.26 -26.26
N GLY A 137 7.85 7.76 -26.33
CA GLY A 137 8.88 8.42 -27.10
C GLY A 137 8.32 8.76 -28.48
N GLY A 138 7.75 7.75 -29.13
CA GLY A 138 7.17 7.94 -30.45
C GLY A 138 6.02 8.92 -30.44
N TRP A 139 5.84 9.64 -29.33
CA TRP A 139 4.77 10.62 -29.22
C TRP A 139 5.32 11.97 -28.80
N LEU A 140 6.63 12.03 -28.60
CA LEU A 140 7.30 13.26 -28.21
C LEU A 140 8.21 13.78 -29.31
N THR A 148 10.62 24.30 -26.16
CA THR A 148 9.30 23.66 -26.14
C THR A 148 9.37 22.21 -26.62
N VAL A 149 8.27 21.48 -26.42
CA VAL A 149 8.19 20.08 -26.84
C VAL A 149 6.81 19.80 -27.43
N LYS A 150 6.72 18.76 -28.25
CA LYS A 150 5.45 18.42 -28.88
C LYS A 150 4.97 17.01 -28.53
N LEU A 151 3.77 16.95 -27.94
CA LEU A 151 3.18 15.67 -27.52
C LEU A 151 1.98 15.28 -28.38
N ASP A 152 1.91 14.01 -28.74
CA ASP A 152 0.81 13.53 -29.56
C ASP A 152 -0.44 13.33 -28.69
N VAL A 153 -1.09 14.44 -28.33
CA VAL A 153 -2.29 14.40 -27.51
C VAL A 153 -3.34 13.39 -27.97
N THR A 154 -3.71 13.48 -29.25
CA THR A 154 -4.72 12.59 -29.80
C THR A 154 -4.33 11.10 -29.75
N SER A 155 -3.13 10.78 -30.21
CA SER A 155 -2.69 9.39 -30.22
C SER A 155 -2.61 8.79 -28.81
N LEU A 156 -2.16 9.60 -27.84
CA LEU A 156 -2.03 9.14 -26.47
C LEU A 156 -3.41 8.97 -25.82
N LYS A 157 -4.23 9.99 -25.92
CA LYS A 157 -5.55 9.96 -25.34
C LYS A 157 -6.40 8.82 -25.89
N ASN A 158 -6.18 8.47 -27.14
CA ASN A 158 -6.93 7.41 -27.77
C ASN A 158 -6.54 6.06 -27.19
N ASP A 159 -5.24 5.82 -27.02
CA ASP A 159 -4.79 4.56 -26.44
C ASP A 159 -5.28 4.42 -25.00
N LEU A 160 -5.40 5.54 -24.30
CA LEU A 160 -5.87 5.52 -22.93
C LEU A 160 -7.36 5.22 -22.89
N ASN A 161 -8.13 5.89 -23.74
CA ASN A 161 -9.56 5.66 -23.77
C ASN A 161 -9.96 4.25 -24.16
N SER A 162 -9.17 3.61 -25.01
CA SER A 162 -9.46 2.23 -25.40
C SER A 162 -9.19 1.29 -24.21
N LEU A 163 -8.28 1.71 -23.34
CA LEU A 163 -7.92 0.93 -22.15
C LEU A 163 -9.06 1.11 -21.17
N VAL A 164 -9.57 2.34 -21.05
CA VAL A 164 -10.68 2.62 -20.15
C VAL A 164 -11.89 1.76 -20.55
N ASN A 165 -12.27 1.81 -21.83
CA ASN A 165 -13.42 1.04 -22.31
C ASN A 165 -13.23 -0.45 -22.19
N LYS A 166 -12.04 -0.95 -22.53
CA LYS A 166 -11.79 -2.38 -22.44
C LYS A 166 -11.92 -2.92 -21.01
N TYR A 167 -11.40 -2.16 -20.04
CA TYR A 167 -11.45 -2.58 -18.64
C TYR A 167 -12.66 -2.03 -17.90
N ASN A 168 -13.56 -1.39 -18.62
CA ASN A 168 -14.76 -0.85 -18.02
C ASN A 168 -15.88 -1.88 -18.24
N GLN A 169 -15.55 -2.99 -18.86
CA GLN A 169 -16.52 -4.01 -19.14
C GLN A 169 -16.46 -5.10 -18.09
N ILE A 170 -17.36 -6.07 -18.21
CA ILE A 170 -17.43 -7.18 -17.28
C ILE A 170 -17.10 -8.49 -17.96
N ASN A 171 -15.84 -8.88 -17.84
CA ASN A 171 -15.36 -10.15 -18.40
C ASN A 171 -14.15 -10.63 -17.61
N SER A 172 -13.56 -11.74 -18.04
CA SER A 172 -12.41 -12.33 -17.36
C SER A 172 -11.18 -11.44 -17.21
N ASN A 173 -11.08 -10.36 -17.98
CA ASN A 173 -9.90 -9.50 -17.87
C ASN A 173 -10.14 -8.37 -16.89
N THR A 174 -11.39 -8.17 -16.49
CA THR A 174 -11.69 -7.06 -15.61
C THR A 174 -12.17 -7.32 -14.20
N VAL A 175 -12.67 -8.52 -13.94
CA VAL A 175 -13.22 -8.83 -12.63
C VAL A 175 -12.25 -9.40 -11.59
N LEU A 176 -12.26 -8.74 -10.43
CA LEU A 176 -11.40 -9.11 -9.30
C LEU A 176 -12.13 -10.13 -8.41
N PHE A 177 -13.46 -9.96 -8.27
CA PHE A 177 -14.26 -10.87 -7.44
C PHE A 177 -15.67 -10.87 -8.00
N PRO A 178 -16.27 -12.05 -8.20
CA PRO A 178 -15.72 -13.38 -7.94
C PRO A 178 -14.64 -13.70 -8.95
N ALA A 179 -13.94 -14.80 -8.73
CA ALA A 179 -12.94 -15.24 -9.70
C ALA A 179 -13.79 -15.71 -10.87
N GLN A 180 -13.39 -15.39 -12.09
CA GLN A 180 -14.16 -15.82 -13.25
C GLN A 180 -13.60 -17.14 -13.76
N SER A 181 -14.31 -18.22 -13.46
CA SER A 181 -13.87 -19.53 -13.88
C SER A 181 -14.27 -19.90 -15.31
N GLY A 182 -13.32 -19.75 -16.23
CA GLY A 182 -13.55 -20.07 -17.62
C GLY A 182 -14.57 -19.25 -18.40
N SER A 183 -15.59 -19.94 -18.93
CA SER A 183 -16.63 -19.31 -19.73
C SER A 183 -17.86 -18.86 -18.94
N GLY A 184 -18.36 -17.68 -19.29
CA GLY A 184 -19.53 -17.13 -18.60
C GLY A 184 -19.11 -16.27 -17.42
N VAL A 185 -19.91 -15.27 -17.09
CA VAL A 185 -19.60 -14.38 -15.98
C VAL A 185 -20.22 -14.86 -14.69
N LYS A 186 -19.42 -14.94 -13.63
CA LYS A 186 -19.90 -15.35 -12.33
C LYS A 186 -20.05 -14.13 -11.43
N VAL A 187 -21.20 -14.02 -10.78
CA VAL A 187 -21.46 -12.88 -9.91
C VAL A 187 -21.67 -13.31 -8.47
N ALA A 188 -21.84 -12.33 -7.60
CA ALA A 188 -22.07 -12.57 -6.18
C ALA A 188 -23.19 -11.64 -5.75
N THR A 189 -23.64 -11.78 -4.50
CA THR A 189 -24.69 -10.91 -4.02
C THR A 189 -24.03 -9.57 -3.73
N GLU A 190 -24.85 -8.54 -3.56
CA GLU A 190 -24.35 -7.21 -3.28
C GLU A 190 -23.52 -7.22 -2.00
N ALA A 191 -24.04 -7.86 -0.95
CA ALA A 191 -23.34 -7.94 0.32
C ALA A 191 -21.93 -8.54 0.16
N GLU A 192 -21.84 -9.68 -0.52
CA GLU A 192 -20.57 -10.33 -0.76
C GLU A 192 -19.59 -9.45 -1.53
N ALA A 193 -20.08 -8.84 -2.60
CA ALA A 193 -19.25 -7.97 -3.40
C ALA A 193 -18.81 -6.77 -2.57
N ARG A 194 -19.73 -6.20 -1.80
CA ARG A 194 -19.36 -5.04 -0.98
C ARG A 194 -18.35 -5.42 0.08
N GLN A 195 -18.48 -6.63 0.62
CA GLN A 195 -17.53 -7.08 1.63
C GLN A 195 -16.11 -7.05 1.01
N TRP A 196 -15.96 -7.62 -0.17
CA TRP A 196 -14.67 -7.67 -0.82
C TRP A 196 -14.27 -6.28 -1.24
N LEU A 197 -15.26 -5.44 -1.52
CA LEU A 197 -14.95 -4.08 -1.93
C LEU A 197 -14.25 -3.36 -0.78
N SER A 198 -14.72 -3.55 0.45
CA SER A 198 -14.10 -2.90 1.59
C SER A 198 -12.79 -3.57 2.01
N GLU A 199 -12.70 -4.89 1.87
CA GLU A 199 -11.47 -5.56 2.26
C GLU A 199 -10.35 -5.18 1.29
N LEU A 200 -10.67 -5.09 0.01
CA LEU A 200 -9.69 -4.73 -1.01
C LEU A 200 -9.45 -3.23 -1.00
N ASN A 201 -10.26 -2.52 -0.21
CA ASN A 201 -10.10 -1.08 -0.06
C ASN A 201 -10.26 -0.30 -1.36
N LEU A 202 -11.12 -0.79 -2.25
CA LEU A 202 -11.35 -0.13 -3.53
C LEU A 202 -12.51 0.85 -3.45
N PRO A 203 -12.61 1.78 -4.42
CA PRO A 203 -13.71 2.75 -4.40
C PRO A 203 -15.00 2.25 -5.06
N ASN A 204 -16.10 2.90 -4.72
CA ASN A 204 -17.41 2.55 -5.24
C ASN A 204 -17.49 2.29 -6.75
N SER A 205 -16.70 3.01 -7.53
CA SER A 205 -16.73 2.84 -8.98
C SER A 205 -16.31 1.43 -9.43
N CYS A 206 -15.72 0.69 -8.49
CA CYS A 206 -15.26 -0.66 -8.77
C CYS A 206 -16.34 -1.70 -8.54
N LEU A 207 -17.47 -1.26 -7.98
CA LEU A 207 -18.57 -2.18 -7.74
C LEU A 207 -19.60 -2.03 -8.87
N LYS A 208 -19.88 -3.13 -9.56
CA LYS A 208 -20.83 -3.09 -10.66
C LYS A 208 -21.90 -4.16 -10.58
N SER A 209 -23.07 -3.82 -11.11
CA SER A 209 -24.18 -4.77 -11.15
C SER A 209 -24.09 -5.53 -12.45
N TYR A 210 -24.55 -6.77 -12.42
CA TYR A 210 -24.58 -7.63 -13.60
C TYR A 210 -25.52 -8.78 -13.30
N GLY A 211 -26.57 -8.91 -14.11
CA GLY A 211 -27.54 -9.96 -13.92
C GLY A 211 -28.20 -10.01 -12.56
N SER A 212 -28.05 -11.15 -11.90
CA SER A 212 -28.64 -11.38 -10.57
C SER A 212 -27.91 -10.77 -9.40
N GLY A 213 -26.62 -10.44 -9.60
CA GLY A 213 -25.85 -9.87 -8.51
C GLY A 213 -24.84 -8.78 -8.85
N TYR A 214 -23.67 -8.85 -8.21
CA TYR A 214 -22.63 -7.85 -8.41
C TYR A 214 -21.25 -8.42 -8.61
N VAL A 215 -20.33 -7.56 -8.98
CA VAL A 215 -18.94 -7.93 -9.17
C VAL A 215 -18.08 -6.74 -8.74
N VAL A 216 -16.79 -6.99 -8.57
CA VAL A 216 -15.82 -5.96 -8.21
C VAL A 216 -14.77 -5.95 -9.31
N THR A 217 -14.57 -4.78 -9.93
CA THR A 217 -13.60 -4.67 -11.02
C THR A 217 -12.45 -3.71 -10.72
N VAL A 218 -11.52 -3.61 -11.66
CA VAL A 218 -10.35 -2.74 -11.53
C VAL A 218 -10.76 -1.28 -11.46
N ASP A 219 -9.97 -0.50 -10.73
CA ASP A 219 -10.21 0.94 -10.55
C ASP A 219 -9.63 1.71 -11.74
N LEU A 220 -10.51 2.32 -12.53
CA LEU A 220 -10.12 3.07 -13.73
C LEU A 220 -9.88 4.56 -13.46
N THR A 221 -10.12 4.98 -12.23
CA THR A 221 -9.96 6.38 -11.87
C THR A 221 -8.63 7.06 -12.27
N PRO A 222 -7.48 6.38 -12.09
CA PRO A 222 -6.27 7.08 -12.50
C PRO A 222 -6.21 7.33 -14.02
N LEU A 223 -6.61 6.34 -14.80
CA LEU A 223 -6.62 6.44 -16.27
C LEU A 223 -7.54 7.56 -16.73
N GLN A 224 -8.72 7.64 -16.13
CA GLN A 224 -9.70 8.66 -16.49
C GLN A 224 -9.24 10.05 -16.11
N LYS A 225 -8.36 10.15 -15.11
CA LYS A 225 -7.86 11.45 -14.69
C LYS A 225 -6.83 11.86 -15.72
N MET A 226 -6.09 10.88 -16.23
CA MET A 226 -5.07 11.13 -17.23
C MET A 226 -5.65 11.80 -18.48
N VAL A 227 -6.69 11.21 -19.08
CA VAL A 227 -7.27 11.83 -20.28
C VAL A 227 -7.90 13.18 -19.93
N GLN A 228 -8.43 13.27 -18.72
CA GLN A 228 -9.07 14.49 -18.24
C GLN A 228 -8.00 15.57 -18.13
N ASP A 229 -6.75 15.15 -17.94
CA ASP A 229 -5.62 16.06 -17.84
C ASP A 229 -5.12 16.44 -19.23
N ILE A 230 -5.12 15.46 -20.13
CA ILE A 230 -4.66 15.71 -21.48
C ILE A 230 -5.61 16.74 -22.13
N ASP A 231 -6.89 16.67 -21.79
CA ASP A 231 -7.88 17.58 -22.32
C ASP A 231 -7.73 18.97 -21.72
N GLY A 232 -7.18 19.01 -20.53
CA GLY A 232 -6.96 20.29 -19.89
C GLY A 232 -5.82 21.00 -20.59
N LEU A 233 -4.98 20.23 -21.28
CA LEU A 233 -3.83 20.79 -21.99
C LEU A 233 -4.31 21.75 -23.06
N GLY A 234 -5.47 21.43 -23.65
CA GLY A 234 -6.03 22.28 -24.69
C GLY A 234 -6.19 21.56 -26.03
N ALA A 235 -6.74 22.28 -27.00
CA ALA A 235 -6.95 21.74 -28.33
C ALA A 235 -5.59 21.62 -29.04
N PRO A 236 -5.34 20.48 -29.70
CA PRO A 236 -4.07 20.29 -30.40
C PRO A 236 -4.08 21.00 -31.75
N GLY A 237 -2.90 21.08 -32.37
CA GLY A 237 -2.81 21.71 -33.66
C GLY A 237 -3.36 20.79 -34.74
N LYS A 238 -3.19 21.20 -35.99
CA LYS A 238 -3.66 20.40 -37.12
C LYS A 238 -2.87 19.09 -37.09
N ASP A 239 -1.74 19.10 -36.40
CA ASP A 239 -0.90 17.93 -36.26
C ASP A 239 -1.71 16.86 -35.55
N SER A 240 -2.71 17.32 -34.80
CA SER A 240 -3.57 16.47 -33.99
C SER A 240 -2.67 16.24 -32.77
N LYS A 241 -1.56 16.98 -32.77
CA LYS A 241 -0.57 16.96 -31.71
C LYS A 241 -0.58 18.39 -31.22
N LEU A 242 0.12 18.66 -30.13
CA LEU A 242 0.18 20.01 -29.62
C LEU A 242 1.51 20.32 -28.93
N GLU A 243 2.14 21.37 -29.42
CA GLU A 243 3.41 21.85 -28.93
C GLU A 243 3.11 22.64 -27.67
N MET A 244 3.96 22.53 -26.66
CA MET A 244 3.76 23.27 -25.43
C MET A 244 5.11 23.67 -24.85
N ASP A 245 5.15 24.80 -24.17
CA ASP A 245 6.38 25.28 -23.56
C ASP A 245 6.75 24.43 -22.35
N ASN A 246 8.04 24.21 -22.15
CA ASN A 246 8.55 23.40 -21.04
C ASN A 246 7.80 23.54 -19.72
N ALA A 247 7.44 24.78 -19.37
CA ALA A 247 6.73 25.04 -18.12
C ALA A 247 5.52 24.14 -17.92
N LYS A 248 4.59 24.17 -18.86
CA LYS A 248 3.38 23.36 -18.75
C LYS A 248 3.59 21.92 -19.17
N TYR A 249 4.72 21.62 -19.80
CA TYR A 249 4.98 20.24 -20.18
C TYR A 249 5.35 19.50 -18.91
N GLN A 250 6.35 20.00 -18.20
CA GLN A 250 6.78 19.38 -16.95
C GLN A 250 5.60 19.15 -16.04
N ALA A 251 4.78 20.18 -15.85
CA ALA A 251 3.60 20.10 -15.00
C ALA A 251 2.66 18.98 -15.44
N TRP A 252 2.54 18.78 -16.75
CA TRP A 252 1.67 17.75 -17.27
C TRP A 252 2.24 16.36 -17.02
N GLN A 253 3.48 16.14 -17.44
CA GLN A 253 4.08 14.82 -17.29
C GLN A 253 4.22 14.43 -15.81
N SER A 254 4.30 15.43 -14.94
CA SER A 254 4.39 15.15 -13.52
C SER A 254 3.03 14.62 -13.10
N GLY A 255 1.99 15.36 -13.44
CA GLY A 255 0.63 14.94 -13.12
C GLY A 255 0.33 13.57 -13.69
N PHE A 256 0.90 13.27 -14.86
CA PHE A 256 0.70 12.00 -15.53
C PHE A 256 1.44 10.87 -14.81
N LYS A 257 2.69 11.12 -14.44
CA LYS A 257 3.47 10.09 -13.75
C LYS A 257 2.89 9.79 -12.38
N ALA A 258 2.23 10.77 -11.78
CA ALA A 258 1.62 10.61 -10.48
C ALA A 258 0.44 9.64 -10.56
N GLN A 259 -0.34 9.74 -11.64
CA GLN A 259 -1.48 8.86 -11.82
C GLN A 259 -1.00 7.43 -12.02
N GLU A 260 0.14 7.29 -12.68
CA GLU A 260 0.75 5.99 -12.93
C GLU A 260 1.20 5.38 -11.60
N GLU A 261 1.80 6.20 -10.74
CA GLU A 261 2.25 5.69 -9.46
C GLU A 261 1.05 5.23 -8.66
N ASN A 262 -0.09 5.92 -8.85
CA ASN A 262 -1.33 5.56 -8.17
C ASN A 262 -1.75 4.15 -8.51
N MET A 263 -1.71 3.79 -9.79
CA MET A 263 -2.08 2.45 -10.19
C MET A 263 -1.10 1.47 -9.60
N LYS A 264 0.18 1.81 -9.73
CA LYS A 264 1.26 0.97 -9.24
C LYS A 264 1.14 0.73 -7.74
N THR A 265 0.65 1.75 -7.02
CA THR A 265 0.46 1.65 -5.58
C THR A 265 -0.72 0.73 -5.28
N THR A 266 -1.76 0.82 -6.10
CA THR A 266 -2.93 -0.05 -5.87
C THR A 266 -2.47 -1.50 -6.04
N LEU A 267 -1.70 -1.77 -7.08
CA LEU A 267 -1.20 -3.12 -7.31
C LEU A 267 -0.38 -3.66 -6.13
N GLN A 268 0.46 -2.80 -5.53
CA GLN A 268 1.30 -3.20 -4.39
C GLN A 268 0.50 -3.46 -3.11
N THR A 269 -0.46 -2.57 -2.80
CA THR A 269 -1.29 -2.72 -1.60
C THR A 269 -2.14 -3.99 -1.65
N LEU A 270 -2.64 -4.34 -2.84
CA LEU A 270 -3.43 -5.57 -2.98
C LEU A 270 -2.51 -6.77 -2.84
N THR A 271 -1.27 -6.62 -3.29
CA THR A 271 -0.30 -7.72 -3.18
C THR A 271 0.05 -7.92 -1.70
N GLN A 272 0.09 -6.82 -0.96
CA GLN A 272 0.40 -6.86 0.45
C GLN A 272 -0.77 -7.47 1.23
N LYS A 273 -2.00 -7.16 0.81
CA LYS A 273 -3.19 -7.72 1.46
C LYS A 273 -3.20 -9.23 1.27
N TYR A 274 -2.78 -9.66 0.08
CA TYR A 274 -2.69 -11.08 -0.24
C TYR A 274 -1.71 -11.78 0.70
N SER A 275 -0.48 -11.26 0.77
CA SER A 275 0.54 -11.83 1.65
C SER A 275 0.04 -11.91 3.10
N ASN A 276 -0.70 -10.89 3.54
CA ASN A 276 -1.25 -10.90 4.89
C ASN A 276 -2.30 -11.99 5.00
N ALA A 277 -3.14 -12.12 3.98
CA ALA A 277 -4.16 -13.15 4.01
C ALA A 277 -3.57 -14.56 4.06
N ASN A 278 -2.41 -14.78 3.41
CA ASN A 278 -1.80 -16.11 3.47
C ASN A 278 -1.41 -16.40 4.91
N SER A 279 -0.92 -15.38 5.59
CA SER A 279 -0.51 -15.55 6.96
C SER A 279 -1.73 -15.79 7.85
N LEU A 280 -2.78 -15.00 7.68
CA LEU A 280 -3.98 -15.20 8.50
C LEU A 280 -4.55 -16.59 8.25
N TYR A 281 -4.52 -17.03 6.99
CA TYR A 281 -5.02 -18.34 6.62
C TYR A 281 -4.21 -19.45 7.31
N ASP A 282 -2.89 -19.34 7.29
CA ASP A 282 -2.06 -20.36 7.94
C ASP A 282 -2.34 -20.45 9.43
N ASN A 283 -2.71 -19.33 10.05
CA ASN A 283 -3.04 -19.32 11.48
C ASN A 283 -4.43 -19.95 11.71
N LEU A 284 -5.34 -19.81 10.77
CA LEU A 284 -6.65 -20.43 10.93
C LEU A 284 -6.47 -21.95 10.85
N VAL A 285 -5.58 -22.40 9.96
CA VAL A 285 -5.34 -23.84 9.82
C VAL A 285 -4.68 -24.40 11.09
N LYS A 286 -3.77 -23.64 11.71
CA LYS A 286 -3.11 -24.10 12.93
C LYS A 286 -4.14 -24.25 14.05
N VAL A 287 -5.01 -23.25 14.18
CA VAL A 287 -6.06 -23.26 15.19
C VAL A 287 -6.98 -24.44 14.96
N LEU A 288 -7.47 -24.56 13.74
CA LEU A 288 -8.35 -25.65 13.37
C LEU A 288 -7.72 -26.99 13.73
N SER A 289 -6.44 -27.15 13.41
CA SER A 289 -5.72 -28.38 13.69
C SER A 289 -5.60 -28.66 15.18
N SER A 290 -5.31 -27.60 15.95
CA SER A 290 -5.17 -27.74 17.40
C SER A 290 -6.47 -28.14 18.08
N THR A 291 -7.56 -27.48 17.72
CA THR A 291 -8.85 -27.80 18.30
C THR A 291 -9.22 -29.26 18.02
N ILE A 292 -8.89 -29.75 16.83
CA ILE A 292 -9.18 -31.12 16.46
C ILE A 292 -8.31 -32.09 17.25
N SER A 293 -7.00 -31.85 17.23
CA SER A 293 -6.03 -32.68 17.94
C SER A 293 -6.34 -32.74 19.44
N SER A 294 -6.81 -31.63 19.98
CA SER A 294 -7.15 -31.56 21.39
C SER A 294 -8.47 -32.26 21.68
N SER A 295 -9.42 -32.14 20.76
CA SER A 295 -10.72 -32.78 20.92
C SER A 295 -10.60 -34.30 20.99
N LEU A 296 -9.39 -34.80 20.76
CA LEU A 296 -9.15 -36.24 20.83
C LEU A 296 -8.67 -36.57 22.23
N GLU A 297 -7.51 -36.04 22.60
CA GLU A 297 -6.91 -36.24 23.92
C GLU A 297 -7.96 -36.41 25.00
N THR A 298 -8.84 -35.53 25.11
N TYR B 11 2.66 45.18 -7.68
CA TYR B 11 3.55 44.13 -8.23
C TYR B 11 3.35 42.82 -7.49
N LEU B 12 4.44 42.07 -7.33
CA LEU B 12 4.38 40.79 -6.64
C LEU B 12 3.74 40.93 -5.26
N ASP B 13 3.67 42.16 -4.77
CA ASP B 13 3.09 42.46 -3.45
C ASP B 13 1.64 41.97 -3.30
N ASP B 14 0.83 42.17 -4.33
CA ASP B 14 -0.57 41.73 -4.30
C ASP B 14 -0.69 40.24 -4.57
N VAL B 15 0.39 39.64 -5.07
CA VAL B 15 0.40 38.22 -5.34
C VAL B 15 0.67 37.50 -4.02
N SER B 16 1.54 38.10 -3.21
CA SER B 16 1.88 37.55 -1.91
C SER B 16 0.68 37.61 -0.98
N ALA B 17 0.01 38.76 -0.96
CA ALA B 17 -1.16 38.98 -0.12
C ALA B 17 -2.27 37.93 -0.28
N LYS B 18 -2.43 37.43 -1.50
CA LYS B 18 -3.46 36.42 -1.75
C LYS B 18 -2.85 35.03 -1.55
N PHE B 19 -1.53 34.95 -1.67
CA PHE B 19 -0.84 33.68 -1.47
C PHE B 19 -1.08 33.28 -0.02
N ASP B 20 -1.01 34.27 0.87
CA ASP B 20 -1.22 34.03 2.29
C ASP B 20 -2.66 33.60 2.54
N THR B 21 -3.60 34.31 1.93
CA THR B 21 -5.01 33.99 2.10
C THR B 21 -5.33 32.61 1.51
N GLY B 22 -4.68 32.26 0.40
CA GLY B 22 -4.91 30.96 -0.20
C GLY B 22 -4.43 29.86 0.74
N VAL B 23 -3.27 30.09 1.36
CA VAL B 23 -2.71 29.13 2.28
C VAL B 23 -3.61 28.95 3.49
N ASP B 24 -4.38 29.99 3.83
CA ASP B 24 -5.29 29.92 4.97
C ASP B 24 -6.54 29.12 4.63
N ASN B 25 -6.89 29.08 3.34
CA ASN B 25 -8.05 28.31 2.92
C ASN B 25 -7.68 26.83 2.96
N LEU B 26 -6.50 26.51 2.43
CA LEU B 26 -6.01 25.14 2.44
C LEU B 26 -6.07 24.60 3.86
N GLN B 27 -5.56 25.38 4.81
CA GLN B 27 -5.59 24.98 6.20
C GLN B 27 -7.02 24.64 6.64
N THR B 28 -7.97 25.49 6.28
CA THR B 28 -9.35 25.24 6.63
C THR B 28 -9.81 23.91 6.05
N GLN B 29 -9.41 23.65 4.80
CA GLN B 29 -9.77 22.41 4.11
C GLN B 29 -9.13 21.20 4.80
N VAL B 30 -7.86 21.32 5.17
CA VAL B 30 -7.20 20.20 5.84
C VAL B 30 -8.04 19.83 7.05
N THR B 31 -8.51 20.85 7.76
CA THR B 31 -9.33 20.64 8.96
C THR B 31 -10.63 19.92 8.63
N GLU B 32 -11.28 20.34 7.55
CA GLU B 32 -12.54 19.73 7.16
C GLU B 32 -12.38 18.30 6.67
N ALA B 33 -11.31 18.02 5.93
CA ALA B 33 -11.06 16.67 5.45
C ALA B 33 -10.76 15.75 6.64
N LEU B 34 -10.00 16.25 7.60
CA LEU B 34 -9.67 15.47 8.79
C LEU B 34 -10.89 15.17 9.64
N ASP B 35 -11.74 16.17 9.85
CA ASP B 35 -12.97 16.00 10.63
C ASP B 35 -13.82 14.89 10.00
N LYS B 36 -14.02 14.98 8.68
CA LYS B 36 -14.80 13.98 7.95
C LYS B 36 -14.19 12.59 8.05
N LEU B 37 -12.87 12.51 7.97
CA LEU B 37 -12.18 11.23 8.10
C LEU B 37 -12.43 10.70 9.51
N ALA B 38 -12.30 11.58 10.50
CA ALA B 38 -12.51 11.18 11.89
C ALA B 38 -13.84 10.47 12.08
N ALA B 39 -14.84 10.88 11.30
CA ALA B 39 -16.18 10.31 11.38
C ALA B 39 -16.24 8.89 10.81
N LYS B 40 -15.43 8.64 9.77
CA LYS B 40 -15.36 7.33 9.13
C LYS B 40 -13.88 6.99 8.94
N PRO B 41 -13.19 6.66 10.04
CA PRO B 41 -11.76 6.33 10.04
C PRO B 41 -11.27 5.35 8.96
N SER B 42 -12.05 4.34 8.66
CA SER B 42 -11.63 3.35 7.69
C SER B 42 -11.98 3.61 6.23
N ASP B 43 -12.47 4.80 5.90
CA ASP B 43 -12.82 5.09 4.52
C ASP B 43 -11.60 5.47 3.67
N PRO B 44 -11.32 4.70 2.63
CA PRO B 44 -10.17 4.95 1.75
C PRO B 44 -10.21 6.32 1.08
N ALA B 45 -11.39 6.72 0.62
CA ALA B 45 -11.57 8.00 -0.05
C ALA B 45 -11.32 9.19 0.89
N LEU B 46 -11.89 9.12 2.09
CA LEU B 46 -11.71 10.20 3.04
C LEU B 46 -10.24 10.33 3.46
N LEU B 47 -9.54 9.20 3.57
CA LEU B 47 -8.12 9.22 3.94
C LEU B 47 -7.26 9.75 2.80
N ALA B 48 -7.51 9.30 1.59
CA ALA B 48 -6.75 9.79 0.45
C ALA B 48 -7.02 11.28 0.24
N ALA B 49 -8.27 11.70 0.42
CA ALA B 49 -8.63 13.10 0.25
C ALA B 49 -7.91 13.98 1.28
N TYR B 50 -7.92 13.53 2.53
CA TYR B 50 -7.23 14.25 3.62
C TYR B 50 -5.72 14.33 3.35
N GLN B 51 -5.08 13.18 3.16
CA GLN B 51 -3.64 13.15 2.92
C GLN B 51 -3.29 14.00 1.70
N SER B 52 -4.20 14.08 0.75
CA SER B 52 -3.96 14.87 -0.45
C SER B 52 -4.05 16.37 -0.14
N LYS B 53 -5.04 16.78 0.66
CA LYS B 53 -5.16 18.19 1.02
C LYS B 53 -3.97 18.61 1.86
N LEU B 54 -3.56 17.73 2.77
CA LEU B 54 -2.43 17.97 3.65
C LEU B 54 -1.18 18.28 2.83
N SER B 55 -0.87 17.41 1.89
CA SER B 55 0.32 17.60 1.06
C SER B 55 0.31 18.96 0.38
N GLU B 56 -0.82 19.31 -0.23
CA GLU B 56 -0.96 20.60 -0.91
C GLU B 56 -0.71 21.75 0.05
N TYR B 57 -1.30 21.65 1.23
CA TYR B 57 -1.14 22.68 2.25
C TYR B 57 0.33 22.85 2.66
N ASN B 58 0.99 21.74 3.00
CA ASN B 58 2.39 21.79 3.43
C ASN B 58 3.29 22.28 2.32
N LEU B 59 2.94 21.97 1.08
CA LEU B 59 3.76 22.43 -0.04
C LEU B 59 3.59 23.92 -0.25
N TYR B 60 2.38 24.44 -0.08
CA TYR B 60 2.15 25.86 -0.25
C TYR B 60 2.71 26.67 0.91
N ARG B 61 2.79 26.05 2.08
CA ARG B 61 3.35 26.74 3.24
C ARG B 61 4.83 26.96 2.98
N ASN B 62 5.49 25.91 2.51
CA ASN B 62 6.91 25.98 2.19
C ASN B 62 7.11 27.08 1.16
N ALA B 63 6.39 26.99 0.05
CA ALA B 63 6.48 27.98 -1.01
C ALA B 63 6.34 29.38 -0.43
N GLN B 64 5.29 29.57 0.36
CA GLN B 64 5.02 30.86 1.00
C GLN B 64 6.19 31.33 1.85
N SER B 65 6.93 30.40 2.44
CA SER B 65 8.08 30.73 3.27
C SER B 65 9.20 31.33 2.43
N ASN B 66 9.20 31.05 1.14
CA ASN B 66 10.23 31.56 0.25
C ASN B 66 9.68 32.60 -0.70
N THR B 67 8.62 33.29 -0.27
CA THR B 67 8.01 34.34 -1.10
C THR B 67 8.90 35.57 -0.97
N VAL B 68 9.60 35.66 0.16
CA VAL B 68 10.51 36.76 0.45
C VAL B 68 11.63 36.88 -0.60
N LYS B 69 12.60 35.97 -0.50
CA LYS B 69 13.74 35.97 -1.41
C LYS B 69 13.33 35.92 -2.87
N VAL B 70 12.25 35.19 -3.15
CA VAL B 70 11.74 35.03 -4.50
C VAL B 70 11.02 36.23 -5.12
N PHE B 71 10.05 36.78 -4.40
CA PHE B 71 9.29 37.92 -4.91
C PHE B 71 10.04 39.24 -5.08
N LYS B 72 11.34 39.26 -4.76
CA LYS B 72 12.13 40.46 -4.93
C LYS B 72 13.13 40.28 -6.08
N ASP B 73 13.89 39.20 -5.99
CA ASP B 73 14.91 38.82 -6.96
C ASP B 73 16.19 38.41 -6.21
N ILE B 74 16.68 39.25 -5.42
N ASN B 103 12.82 31.87 -14.19
CA ASN B 103 14.12 31.66 -13.49
C ASN B 103 13.91 31.53 -11.99
N ILE B 104 12.65 31.51 -11.58
CA ILE B 104 12.30 31.33 -10.19
C ILE B 104 11.27 30.22 -10.07
N SER B 105 11.44 29.22 -10.93
CA SER B 105 10.59 28.05 -10.95
C SER B 105 11.26 27.07 -9.97
N ALA B 106 11.87 27.64 -8.94
CA ALA B 106 12.57 26.87 -7.92
C ALA B 106 12.45 27.54 -6.56
N ILE B 107 11.24 27.64 -6.05
CA ILE B 107 10.99 28.25 -4.75
C ILE B 107 11.12 27.14 -3.71
N GLY B 108 10.40 26.06 -3.93
CA GLY B 108 10.44 24.93 -3.02
C GLY B 108 11.27 23.79 -3.54
N ASP B 109 12.22 24.06 -4.42
CA ASP B 109 13.08 23.00 -4.93
C ASP B 109 13.85 22.44 -3.73
N SER B 110 13.75 23.15 -2.62
CA SER B 110 14.38 22.76 -1.36
C SER B 110 13.46 21.69 -0.77
N TYR B 111 12.17 21.97 -0.83
CA TYR B 111 11.11 21.09 -0.34
C TYR B 111 11.14 19.76 -1.10
N LEU B 112 11.29 19.83 -2.42
CA LEU B 112 11.35 18.61 -3.23
C LEU B 112 12.67 17.93 -2.97
N GLY B 113 13.64 18.69 -2.49
CA GLY B 113 14.94 18.14 -2.18
C GLY B 113 14.80 17.15 -1.04
N VAL B 114 13.98 17.50 -0.05
CA VAL B 114 13.74 16.62 1.08
C VAL B 114 13.04 15.35 0.60
N TYR B 115 11.97 15.52 -0.16
CA TYR B 115 11.22 14.40 -0.68
C TYR B 115 12.10 13.42 -1.44
N GLU B 116 13.00 13.94 -2.27
CA GLU B 116 13.88 13.07 -3.03
C GLU B 116 14.80 12.26 -2.12
N ASN B 117 15.29 12.90 -1.07
CA ASN B 117 16.16 12.23 -0.12
C ASN B 117 15.41 11.12 0.61
N VAL B 118 14.14 11.37 0.93
CA VAL B 118 13.33 10.36 1.61
C VAL B 118 13.26 9.11 0.75
N VAL B 119 13.00 9.29 -0.54
CA VAL B 119 12.90 8.13 -1.40
C VAL B 119 14.26 7.47 -1.64
N ALA B 120 15.32 8.25 -1.69
CA ALA B 120 16.64 7.67 -1.92
C ALA B 120 17.05 6.84 -0.70
N VAL B 121 16.87 7.40 0.50
CA VAL B 121 17.23 6.67 1.70
C VAL B 121 16.42 5.39 1.82
N TYR B 122 15.12 5.47 1.57
CA TYR B 122 14.29 4.28 1.70
C TYR B 122 14.63 3.23 0.66
N THR B 123 14.97 3.71 -0.53
CA THR B 123 15.31 2.81 -1.62
C THR B 123 16.56 2.02 -1.27
N ASP B 124 17.61 2.73 -0.85
CA ASP B 124 18.83 2.04 -0.47
C ASP B 124 18.56 1.11 0.71
N PHE B 125 17.70 1.55 1.61
CA PHE B 125 17.35 0.75 2.78
C PHE B 125 16.70 -0.56 2.34
N TYR B 126 15.74 -0.49 1.43
CA TYR B 126 15.10 -1.70 0.97
C TYR B 126 16.10 -2.56 0.15
N GLN B 127 17.03 -1.91 -0.52
CA GLN B 127 18.02 -2.63 -1.30
C GLN B 127 18.92 -3.47 -0.36
N ALA B 128 19.26 -2.91 0.78
CA ALA B 128 20.10 -3.62 1.73
C ALA B 128 19.36 -4.85 2.24
N PHE B 129 18.07 -4.70 2.49
CA PHE B 129 17.23 -5.80 2.97
C PHE B 129 17.10 -6.89 1.88
N SER B 130 17.01 -6.48 0.62
CA SER B 130 16.91 -7.43 -0.47
C SER B 130 18.14 -8.32 -0.56
N ASP B 131 19.31 -7.77 -0.26
CA ASP B 131 20.54 -8.56 -0.32
C ASP B 131 20.49 -9.72 0.66
N ILE B 132 19.84 -9.51 1.81
CA ILE B 132 19.73 -10.58 2.79
C ILE B 132 18.74 -11.59 2.25
N LEU B 133 17.66 -11.07 1.71
CA LEU B 133 16.60 -11.90 1.16
C LEU B 133 17.15 -12.89 0.13
N SER B 134 18.11 -12.45 -0.66
CA SER B 134 18.70 -13.31 -1.67
C SER B 134 19.53 -14.46 -1.08
N LYS B 135 19.92 -14.33 0.18
CA LYS B 135 20.71 -15.40 0.81
C LYS B 135 19.80 -16.45 1.42
N MET B 136 18.51 -16.18 1.40
CA MET B 136 17.52 -17.08 1.97
C MET B 136 17.71 -18.52 1.50
N GLY B 137 17.79 -18.70 0.19
CA GLY B 137 17.96 -20.03 -0.38
C GLY B 137 19.09 -20.82 0.25
N GLY B 138 20.23 -20.17 0.47
CA GLY B 138 21.36 -20.85 1.08
C GLY B 138 21.16 -21.19 2.55
N TRP B 139 20.16 -20.57 3.18
CA TRP B 139 19.88 -20.83 4.59
C TRP B 139 18.79 -21.88 4.82
N LEU B 140 18.28 -22.45 3.72
CA LEU B 140 17.25 -23.48 3.81
C LEU B 140 17.78 -24.83 3.32
N LEU B 141 17.62 -25.86 4.15
CA LEU B 141 18.10 -27.19 3.81
C LEU B 141 17.03 -28.24 4.09
N PRO B 142 16.23 -28.61 3.08
CA PRO B 142 15.17 -29.63 3.26
C PRO B 142 15.67 -30.78 4.15
N GLY B 143 15.00 -30.96 5.28
CA GLY B 143 15.41 -31.97 6.24
C GLY B 143 15.35 -33.44 5.85
N LYS B 144 15.24 -34.27 6.88
CA LYS B 144 15.17 -35.72 6.74
C LYS B 144 13.77 -36.24 6.47
N ASP B 145 13.66 -37.00 5.37
CA ASP B 145 12.40 -37.63 4.94
C ASP B 145 11.31 -36.74 4.38
N GLY B 146 11.70 -35.61 3.80
CA GLY B 146 10.75 -34.69 3.20
C GLY B 146 9.58 -34.23 4.05
N ASN B 147 9.69 -34.47 5.36
CA ASN B 147 8.63 -34.06 6.27
C ASN B 147 9.11 -32.85 7.07
N THR B 148 10.41 -32.57 6.97
CA THR B 148 10.99 -31.47 7.71
C THR B 148 11.83 -30.55 6.85
N VAL B 149 12.14 -29.39 7.40
CA VAL B 149 12.96 -28.38 6.77
C VAL B 149 13.88 -27.86 7.84
N LYS B 150 15.08 -27.47 7.43
CA LYS B 150 16.08 -26.94 8.37
C LYS B 150 16.40 -25.52 7.95
N LEU B 151 16.13 -24.58 8.85
CA LEU B 151 16.38 -23.18 8.59
C LEU B 151 17.53 -22.68 9.46
N ASP B 152 18.47 -21.96 8.86
CA ASP B 152 19.57 -21.45 9.65
C ASP B 152 19.16 -20.12 10.28
N VAL B 153 18.37 -20.24 11.34
CA VAL B 153 17.86 -19.09 12.05
C VAL B 153 18.97 -18.17 12.55
N THR B 154 20.04 -18.74 13.09
CA THR B 154 21.12 -17.93 13.61
C THR B 154 21.74 -16.99 12.61
N SER B 155 22.01 -17.47 11.40
CA SER B 155 22.58 -16.61 10.37
C SER B 155 21.56 -15.59 9.87
N LEU B 156 20.32 -16.04 9.68
CA LEU B 156 19.23 -15.18 9.22
C LEU B 156 19.03 -14.07 10.25
N LYS B 157 18.94 -14.47 11.51
CA LYS B 157 18.73 -13.51 12.59
C LYS B 157 19.88 -12.52 12.70
N ASN B 158 21.10 -13.01 12.56
CA ASN B 158 22.23 -12.11 12.66
C ASN B 158 22.25 -11.05 11.57
N ASP B 159 21.88 -11.45 10.36
CA ASP B 159 21.82 -10.52 9.24
C ASP B 159 20.73 -9.47 9.46
N LEU B 160 19.55 -9.91 9.90
CA LEU B 160 18.44 -9.00 10.14
C LEU B 160 18.80 -7.98 11.21
N ASN B 161 19.38 -8.45 12.30
CA ASN B 161 19.80 -7.58 13.39
C ASN B 161 20.92 -6.63 13.00
N SER B 162 21.79 -7.06 12.09
CA SER B 162 22.88 -6.18 11.67
C SER B 162 22.27 -5.03 10.88
N LEU B 163 21.24 -5.37 10.10
CA LEU B 163 20.55 -4.38 9.28
C LEU B 163 19.78 -3.42 10.19
N VAL B 164 19.13 -3.97 11.23
CA VAL B 164 18.37 -3.15 12.17
C VAL B 164 19.33 -2.18 12.85
N ASN B 165 20.52 -2.67 13.23
CA ASN B 165 21.49 -1.82 13.90
C ASN B 165 22.07 -0.74 13.02
N LYS B 166 22.28 -1.03 11.74
CA LYS B 166 22.81 0.02 10.89
C LYS B 166 21.76 1.11 10.77
N TYR B 167 20.51 0.74 10.53
CA TYR B 167 19.47 1.73 10.36
C TYR B 167 18.89 2.31 11.62
N ASN B 168 19.20 1.69 12.76
CA ASN B 168 18.74 2.24 14.02
C ASN B 168 19.68 3.41 14.35
N GLN B 169 20.69 3.61 13.51
CA GLN B 169 21.63 4.71 13.66
C GLN B 169 20.95 5.98 13.16
N ILE B 170 21.61 7.12 13.36
CA ILE B 170 21.08 8.42 12.94
C ILE B 170 22.15 9.17 12.14
N ASN B 171 22.07 9.09 10.82
CA ASN B 171 23.03 9.77 9.96
C ASN B 171 22.44 10.05 8.59
N SER B 172 23.27 10.53 7.67
CA SER B 172 22.84 10.88 6.32
C SER B 172 22.32 9.72 5.49
N ASN B 173 22.70 8.51 5.87
CA ASN B 173 22.27 7.33 5.12
C ASN B 173 21.03 6.68 5.72
N THR B 174 20.59 7.15 6.88
CA THR B 174 19.42 6.55 7.52
C THR B 174 18.28 7.49 7.93
N VAL B 175 18.54 8.79 7.99
CA VAL B 175 17.50 9.77 8.37
C VAL B 175 16.69 10.29 7.19
N LEU B 176 15.37 10.25 7.32
CA LEU B 176 14.48 10.74 6.26
C LEU B 176 14.28 12.26 6.34
N PHE B 177 14.20 12.78 7.55
CA PHE B 177 14.01 14.21 7.77
C PHE B 177 14.51 14.56 9.17
N PRO B 178 15.29 15.65 9.32
CA PRO B 178 15.77 16.59 8.29
C PRO B 178 16.89 15.99 7.45
N ALA B 179 17.28 16.70 6.40
CA ALA B 179 18.37 16.27 5.53
C ALA B 179 19.66 16.35 6.32
N GLN B 180 20.40 15.25 6.37
CA GLN B 180 21.64 15.18 7.13
C GLN B 180 22.89 15.59 6.35
N SER B 181 23.63 16.54 6.89
CA SER B 181 24.86 17.01 6.26
C SER B 181 25.98 17.18 7.28
N GLY B 182 27.21 16.89 6.86
CA GLY B 182 28.35 17.05 7.74
C GLY B 182 28.62 15.95 8.76
N SER B 183 29.30 16.33 9.84
CA SER B 183 29.67 15.42 10.91
C SER B 183 28.69 15.40 12.08
N GLY B 184 27.90 16.45 12.23
CA GLY B 184 26.94 16.51 13.31
C GLY B 184 25.50 16.26 12.90
N VAL B 185 24.76 15.58 13.77
CA VAL B 185 23.35 15.28 13.51
C VAL B 185 22.56 16.58 13.49
N LYS B 186 21.64 16.69 12.55
CA LYS B 186 20.78 17.86 12.45
C LYS B 186 19.38 17.43 12.84
N VAL B 187 18.76 18.19 13.75
CA VAL B 187 17.43 17.85 14.21
C VAL B 187 16.42 18.88 13.77
N ALA B 188 15.15 18.60 14.07
CA ALA B 188 14.07 19.52 13.76
C ALA B 188 13.22 19.62 15.01
N THR B 189 12.36 20.62 15.08
CA THR B 189 11.48 20.75 16.23
C THR B 189 10.48 19.60 16.13
N GLU B 190 9.76 19.33 17.22
CA GLU B 190 8.77 18.25 17.19
C GLU B 190 7.67 18.53 16.19
N ALA B 191 7.28 19.79 16.09
CA ALA B 191 6.23 20.22 15.17
C ALA B 191 6.62 19.94 13.72
N GLU B 192 7.87 20.28 13.37
CA GLU B 192 8.37 20.05 12.01
C GLU B 192 8.51 18.56 11.70
N ALA B 193 9.00 17.82 12.68
CA ALA B 193 9.18 16.38 12.53
C ALA B 193 7.82 15.76 12.33
N ARG B 194 6.86 16.17 13.14
CA ARG B 194 5.51 15.63 13.02
C ARG B 194 4.84 16.01 11.71
N GLN B 195 5.14 17.21 11.22
CA GLN B 195 4.56 17.62 9.95
C GLN B 195 4.96 16.63 8.88
N TRP B 196 6.25 16.34 8.81
CA TRP B 196 6.76 15.40 7.81
C TRP B 196 6.35 13.97 8.08
N LEU B 197 6.27 13.60 9.36
CA LEU B 197 5.85 12.25 9.74
C LEU B 197 4.44 12.06 9.15
N SER B 198 3.56 13.03 9.39
CA SER B 198 2.17 12.97 8.88
C SER B 198 2.12 13.14 7.38
N GLU B 199 2.99 14.00 6.87
CA GLU B 199 3.05 14.26 5.44
C GLU B 199 3.38 12.97 4.68
N LEU B 200 4.36 12.22 5.18
CA LEU B 200 4.77 10.96 4.55
C LEU B 200 3.89 9.80 5.00
N ASN B 201 3.05 10.07 5.99
CA ASN B 201 2.14 9.08 6.55
C ASN B 201 2.85 7.86 7.12
N LEU B 202 3.95 8.09 7.80
CA LEU B 202 4.69 6.99 8.39
C LEU B 202 4.16 6.72 9.80
N PRO B 203 4.41 5.50 10.33
CA PRO B 203 3.96 5.16 11.69
C PRO B 203 4.76 5.94 12.75
N ASN B 204 4.20 6.08 13.95
CA ASN B 204 4.90 6.81 15.00
C ASN B 204 6.30 6.27 15.22
N SER B 205 6.46 4.97 15.01
CA SER B 205 7.74 4.31 15.21
C SER B 205 8.88 4.94 14.38
N CYS B 206 8.53 5.85 13.48
CA CYS B 206 9.54 6.51 12.66
C CYS B 206 9.98 7.86 13.25
N LEU B 207 9.35 8.25 14.36
CA LEU B 207 9.68 9.52 15.00
C LEU B 207 10.64 9.28 16.15
N LYS B 208 11.84 9.79 16.00
CA LYS B 208 12.87 9.62 17.01
C LYS B 208 13.34 10.94 17.60
N SER B 209 13.52 10.95 18.91
CA SER B 209 14.00 12.13 19.58
C SER B 209 15.52 12.05 19.56
N TYR B 210 16.17 13.20 19.42
CA TYR B 210 17.62 13.26 19.44
C TYR B 210 18.01 14.58 20.09
N GLY B 211 18.48 14.51 21.32
CA GLY B 211 18.88 15.72 22.01
C GLY B 211 17.72 16.68 22.09
N SER B 212 17.98 17.93 21.70
CA SER B 212 16.94 18.95 21.77
C SER B 212 15.88 18.88 20.68
N GLY B 213 16.00 17.93 19.75
CA GLY B 213 15.02 17.84 18.68
C GLY B 213 14.50 16.48 18.28
N TYR B 214 14.06 16.36 17.03
CA TYR B 214 13.50 15.10 16.52
C TYR B 214 13.89 14.87 15.07
N VAL B 215 13.98 13.59 14.70
CA VAL B 215 14.30 13.18 13.35
C VAL B 215 13.33 12.07 12.94
N VAL B 216 13.14 11.89 11.64
CA VAL B 216 12.26 10.84 11.11
C VAL B 216 13.15 9.83 10.41
N THR B 217 13.05 8.57 10.81
CA THR B 217 13.87 7.50 10.26
C THR B 217 13.02 6.45 9.53
N VAL B 218 13.68 5.41 9.02
CA VAL B 218 12.97 4.34 8.33
C VAL B 218 12.24 3.54 9.41
N ASP B 219 11.20 2.81 9.01
CA ASP B 219 10.41 1.98 9.90
C ASP B 219 11.13 0.63 10.08
N LEU B 220 11.48 0.28 11.31
CA LEU B 220 12.18 -0.97 11.55
C LEU B 220 11.29 -2.11 12.06
N THR B 221 10.04 -1.78 12.38
CA THR B 221 9.11 -2.76 12.91
C THR B 221 8.97 -4.06 12.10
N PRO B 222 8.90 -3.98 10.75
CA PRO B 222 8.78 -5.21 9.97
C PRO B 222 9.98 -6.13 10.26
N LEU B 223 11.18 -5.55 10.20
CA LEU B 223 12.42 -6.29 10.46
C LEU B 223 12.49 -6.84 11.87
N GLN B 224 12.18 -6.01 12.84
CA GLN B 224 12.24 -6.43 14.24
C GLN B 224 11.23 -7.54 14.45
N LYS B 225 10.08 -7.41 13.80
CA LYS B 225 9.02 -8.39 13.91
C LYS B 225 9.50 -9.71 13.28
N MET B 226 10.31 -9.62 12.23
CA MET B 226 10.84 -10.81 11.60
C MET B 226 11.74 -11.50 12.61
N VAL B 227 12.59 -10.72 13.28
CA VAL B 227 13.48 -11.29 14.29
C VAL B 227 12.67 -11.93 15.41
N GLN B 228 11.56 -11.31 15.79
CA GLN B 228 10.72 -11.86 16.85
C GLN B 228 10.17 -13.20 16.42
N ASP B 229 9.69 -13.26 15.20
CA ASP B 229 9.11 -14.51 14.71
C ASP B 229 10.15 -15.62 14.62
N ILE B 230 11.40 -15.25 14.39
CA ILE B 230 12.45 -16.25 14.34
C ILE B 230 12.73 -16.75 15.76
N ASP B 231 12.79 -15.82 16.71
CA ASP B 231 13.00 -16.22 18.12
C ASP B 231 11.82 -17.13 18.48
N GLY B 232 10.63 -16.72 18.05
CA GLY B 232 9.41 -17.48 18.33
C GLY B 232 9.35 -18.90 17.80
N LEU B 233 10.31 -19.27 16.95
CA LEU B 233 10.33 -20.63 16.40
C LEU B 233 10.82 -21.59 17.44
N GLY B 234 11.55 -21.07 18.41
CA GLY B 234 12.08 -21.90 19.46
C GLY B 234 13.59 -21.90 19.43
N ALA B 235 14.17 -22.56 20.43
CA ALA B 235 15.62 -22.65 20.52
C ALA B 235 16.15 -23.61 19.45
N PRO B 236 17.27 -23.25 18.82
CA PRO B 236 17.85 -24.11 17.79
C PRO B 236 18.67 -25.25 18.43
N GLY B 237 18.98 -26.27 17.65
CA GLY B 237 19.76 -27.37 18.18
C GLY B 237 21.22 -26.92 18.38
N LYS B 238 22.10 -27.87 18.67
CA LYS B 238 23.52 -27.56 18.88
C LYS B 238 24.07 -26.94 17.59
N ASP B 239 23.29 -27.09 16.53
CA ASP B 239 23.59 -26.59 15.19
C ASP B 239 23.58 -25.09 15.03
N SER B 240 22.76 -24.42 15.84
CA SER B 240 22.55 -22.97 15.74
C SER B 240 21.65 -22.85 14.52
N LYS B 241 21.02 -23.99 14.19
CA LYS B 241 20.08 -24.11 13.07
C LYS B 241 18.85 -24.77 13.67
N LEU B 242 17.72 -24.67 12.98
CA LEU B 242 16.50 -25.27 13.51
C LEU B 242 15.73 -26.10 12.51
N GLU B 243 15.39 -27.31 12.93
CA GLU B 243 14.63 -28.19 12.07
C GLU B 243 13.19 -28.11 12.52
N MET B 244 12.28 -27.93 11.56
CA MET B 244 10.89 -27.85 11.90
C MET B 244 10.09 -28.63 10.86
N ASP B 245 8.93 -29.15 11.25
CA ASP B 245 8.14 -29.88 10.28
C ASP B 245 7.52 -28.89 9.30
N ASN B 246 6.95 -29.40 8.23
CA ASN B 246 6.37 -28.54 7.21
C ASN B 246 5.28 -27.58 7.70
N ALA B 247 4.39 -28.05 8.55
CA ALA B 247 3.32 -27.21 9.06
C ALA B 247 3.90 -25.94 9.71
N LYS B 248 4.88 -26.11 10.58
CA LYS B 248 5.51 -24.99 11.25
C LYS B 248 6.21 -24.06 10.26
N TYR B 249 6.90 -24.65 9.30
CA TYR B 249 7.61 -23.88 8.30
C TYR B 249 6.67 -23.05 7.41
N GLN B 250 5.55 -23.65 7.02
CA GLN B 250 4.57 -22.98 6.17
C GLN B 250 4.06 -21.67 6.82
N ALA B 251 3.72 -21.73 8.09
CA ALA B 251 3.24 -20.56 8.82
C ALA B 251 4.32 -19.47 8.99
N TRP B 252 5.54 -19.90 9.30
CA TRP B 252 6.64 -18.96 9.51
C TRP B 252 6.94 -18.21 8.22
N GLN B 253 7.10 -18.97 7.15
CA GLN B 253 7.41 -18.40 5.85
C GLN B 253 6.40 -17.35 5.41
N SER B 254 5.11 -17.63 5.58
CA SER B 254 4.09 -16.65 5.16
C SER B 254 4.14 -15.45 6.11
N GLY B 255 4.45 -15.71 7.37
CA GLY B 255 4.57 -14.61 8.31
C GLY B 255 5.78 -13.77 7.91
N PHE B 256 6.87 -14.43 7.48
CA PHE B 256 8.08 -13.69 7.07
C PHE B 256 7.81 -12.88 5.79
N LYS B 257 7.05 -13.48 4.88
CA LYS B 257 6.76 -12.80 3.62
C LYS B 257 5.81 -11.60 3.81
N ALA B 258 4.95 -11.65 4.83
CA ALA B 258 4.05 -10.52 5.03
C ALA B 258 4.86 -9.29 5.42
N GLN B 259 5.84 -9.47 6.30
CA GLN B 259 6.68 -8.35 6.72
C GLN B 259 7.52 -7.85 5.52
N GLU B 260 7.98 -8.78 4.70
CA GLU B 260 8.73 -8.41 3.49
C GLU B 260 7.87 -7.43 2.66
N GLU B 261 6.61 -7.80 2.41
CA GLU B 261 5.70 -6.95 1.63
C GLU B 261 5.34 -5.64 2.31
N ASN B 262 5.41 -5.61 3.63
CA ASN B 262 5.12 -4.36 4.33
C ASN B 262 6.18 -3.33 3.97
N MET B 263 7.44 -3.73 4.06
CA MET B 263 8.53 -2.81 3.73
C MET B 263 8.44 -2.34 2.28
N LYS B 264 8.10 -3.26 1.38
CA LYS B 264 8.01 -2.94 -0.03
C LYS B 264 6.86 -1.94 -0.27
N THR B 265 5.79 -2.08 0.51
CA THR B 265 4.66 -1.18 0.40
C THR B 265 5.03 0.24 0.84
N THR B 266 5.69 0.34 1.98
CA THR B 266 6.13 1.65 2.46
C THR B 266 6.96 2.37 1.39
N LEU B 267 7.87 1.64 0.73
CA LEU B 267 8.69 2.26 -0.31
C LEU B 267 7.79 2.81 -1.41
N GLN B 268 6.81 2.02 -1.82
CA GLN B 268 5.89 2.42 -2.88
C GLN B 268 5.04 3.63 -2.51
N THR B 269 4.49 3.64 -1.30
CA THR B 269 3.65 4.77 -0.90
C THR B 269 4.45 6.06 -0.80
N LEU B 270 5.72 5.96 -0.40
CA LEU B 270 6.56 7.14 -0.29
C LEU B 270 6.86 7.60 -1.72
N THR B 271 7.10 6.62 -2.59
CA THR B 271 7.37 6.90 -4.00
C THR B 271 6.19 7.66 -4.59
N GLN B 272 4.98 7.20 -4.28
CA GLN B 272 3.77 7.83 -4.77
C GLN B 272 3.63 9.22 -4.15
N LYS B 273 3.89 9.32 -2.85
CA LYS B 273 3.80 10.59 -2.16
C LYS B 273 4.75 11.61 -2.78
N TYR B 274 5.93 11.14 -3.21
CA TYR B 274 6.95 11.98 -3.84
C TYR B 274 6.44 12.47 -5.19
N SER B 275 5.83 11.56 -5.94
CA SER B 275 5.28 11.87 -7.26
C SER B 275 4.20 12.93 -7.19
N ASN B 276 3.32 12.82 -6.19
CA ASN B 276 2.24 13.79 -6.04
C ASN B 276 2.81 15.15 -5.71
N ALA B 277 3.92 15.16 -4.98
CA ALA B 277 4.59 16.38 -4.58
C ALA B 277 5.17 17.10 -5.80
N ASN B 278 5.77 16.33 -6.69
CA ASN B 278 6.35 16.90 -7.90
C ASN B 278 5.26 17.52 -8.75
N SER B 279 4.15 16.80 -8.86
CA SER B 279 3.01 17.27 -9.64
C SER B 279 2.47 18.58 -9.09
N LEU B 280 2.33 18.65 -7.77
CA LEU B 280 1.81 19.87 -7.13
C LEU B 280 2.78 21.04 -7.30
N TYR B 281 4.06 20.76 -7.17
CA TYR B 281 5.08 21.79 -7.31
C TYR B 281 5.11 22.34 -8.73
N ASP B 282 5.38 21.47 -9.70
CA ASP B 282 5.44 21.91 -11.09
C ASP B 282 4.20 22.68 -11.49
N ASN B 283 3.05 22.27 -10.99
CA ASN B 283 1.84 22.97 -11.32
C ASN B 283 1.81 24.33 -10.67
N LEU B 284 2.33 24.44 -9.45
CA LEU B 284 2.36 25.73 -8.78
C LEU B 284 3.32 26.63 -9.52
N VAL B 285 4.42 26.06 -10.00
CA VAL B 285 5.41 26.82 -10.74
C VAL B 285 4.81 27.35 -12.04
N LYS B 286 4.08 26.48 -12.75
CA LYS B 286 3.45 26.89 -14.00
C LYS B 286 2.46 28.03 -13.79
N VAL B 287 1.47 27.78 -12.96
CA VAL B 287 0.44 28.78 -12.67
C VAL B 287 1.02 30.08 -12.11
N LEU B 288 2.02 29.97 -11.24
CA LEU B 288 2.62 31.16 -10.65
C LEU B 288 3.28 32.02 -11.71
N SER B 289 4.01 31.40 -12.63
CA SER B 289 4.71 32.13 -13.69
C SER B 289 3.75 32.79 -14.69
N SER B 290 2.69 32.07 -15.05
CA SER B 290 1.71 32.60 -16.00
C SER B 290 1.09 33.88 -15.47
N THR B 291 0.70 33.85 -14.20
CA THR B 291 0.10 35.03 -13.57
C THR B 291 1.05 36.22 -13.78
N ILE B 292 2.35 35.93 -13.76
CA ILE B 292 3.35 36.97 -13.93
C ILE B 292 3.50 37.35 -15.40
N SER B 293 4.01 36.42 -16.20
CA SER B 293 4.20 36.67 -17.63
C SER B 293 3.01 37.40 -18.25
N SER B 294 1.80 37.04 -17.83
CA SER B 294 0.59 37.68 -18.33
C SER B 294 0.57 39.16 -17.97
N SER B 295 0.64 39.44 -16.68
CA SER B 295 0.63 40.81 -16.19
C SER B 295 1.61 41.67 -17.00
N LEU B 296 2.81 41.14 -17.20
CA LEU B 296 3.86 41.85 -17.94
C LEU B 296 3.63 41.86 -19.44
N GLU B 297 2.74 41.01 -19.93
CA GLU B 297 2.45 40.96 -21.35
C GLU B 297 1.50 42.13 -21.61
N THR B 298 0.43 42.19 -20.84
CA THR B 298 -0.57 43.24 -20.95
C THR B 298 0.04 44.61 -20.68
N ALA B 299 0.94 44.67 -19.70
CA ALA B 299 1.60 45.92 -19.36
C ALA B 299 2.24 46.55 -20.60
N LYS B 300 2.98 45.74 -21.34
CA LYS B 300 3.65 46.17 -22.56
C LYS B 300 2.85 47.19 -23.38
N SER B 301 1.60 46.86 -23.71
CA SER B 301 0.73 47.74 -24.49
C SER B 301 0.21 48.94 -23.71
N PHE B 302 0.89 49.98 -23.68
C1 GOL C . -0.66 -19.63 2.52
O1 GOL C . 0.75 -19.46 2.66
C2 GOL C . -0.94 -20.95 1.81
O2 GOL C . -0.43 -22.03 2.59
C3 GOL C . -0.27 -20.94 0.44
O3 GOL C . -0.48 -22.20 -0.21
C1 GOL D . 4.45 -11.90 11.51
O1 GOL D . 3.77 -12.86 12.31
C2 GOL D . 3.78 -11.79 10.13
O2 GOL D . 4.48 -10.83 9.34
C3 GOL D . 2.33 -11.36 10.29
O3 GOL D . 1.75 -11.16 9.01
C1 GOL E . 26.53 -5.97 12.60
O1 GOL E . 27.44 -6.78 13.35
C2 GOL E . 25.99 -4.85 13.50
O2 GOL E . 25.37 -5.42 14.65
C3 GOL E . 24.96 -4.01 12.73
O3 GOL E . 25.55 -3.50 11.52
#